data_3LBB
#
_entry.id   3LBB
#
_cell.length_a   64.704
_cell.length_b   72.787
_cell.length_c   56.682
_cell.angle_alpha   90.00
_cell.angle_beta   90.00
_cell.angle_gamma   90.00
#
_symmetry.space_group_name_H-M   'P 21 21 2'
#
loop_
_entity.id
_entity.type
_entity.pdbx_description
1 polymer 'Putative uncharacterized protein smu.793'
2 non-polymer 'SULFATE ION'
3 non-polymer 'CHLORIDE ION'
4 water water
#
_entity_poly.entity_id   1
_entity_poly.type   'polypeptide(L)'
_entity_poly.pdbx_seq_one_letter_code
;MGSSHHHHHHSSGLVPRGSHMASMTGGQQMGRGSMSDNHLHEIRVFENFDMVSFEKGHVIVTTEVVDKSLNYYGFAHGGY
IFTLCDQISGLVSISTGFDAVTLQSSINYLKSGKLGDTLLIDGRCVHDGRTTKVVDVTVTNQLKQEVAKATFTMFVTGKR
KDD
;
_entity_poly.pdbx_strand_id   A,B
#
loop_
_chem_comp.id
_chem_comp.type
_chem_comp.name
_chem_comp.formula
CL non-polymer 'CHLORIDE ION' 'Cl -1'
SO4 non-polymer 'SULFATE ION' 'O4 S -2'
#
# COMPACT_ATOMS: atom_id res chain seq x y z
N ASN A 38 -15.15 5.86 12.35
CA ASN A 38 -15.23 6.98 11.38
C ASN A 38 -13.87 7.32 10.71
N HIS A 39 -12.83 7.58 11.55
CA HIS A 39 -11.40 7.92 11.16
C HIS A 39 -10.48 6.75 10.76
N LEU A 40 -10.64 5.65 11.46
CA LEU A 40 -10.18 4.37 11.05
C LEU A 40 -11.32 3.66 10.46
N HIS A 41 -11.07 3.01 9.31
CA HIS A 41 -12.13 2.26 8.68
C HIS A 41 -11.60 1.15 7.75
N GLU A 42 -12.40 0.15 7.56
CA GLU A 42 -12.05 -0.90 6.64
C GLU A 42 -11.95 -0.43 5.19
N ILE A 43 -10.99 -1.03 4.51
CA ILE A 43 -10.82 -0.80 3.09
C ILE A 43 -10.71 -2.15 2.46
N ARG A 44 -11.19 -2.31 1.23
CA ARG A 44 -11.05 -3.58 0.54
C ARG A 44 -10.45 -3.34 -0.84
N VAL A 45 -9.75 -4.33 -1.33
CA VAL A 45 -9.06 -4.20 -2.58
C VAL A 45 -9.30 -5.48 -3.33
N PHE A 46 -9.45 -5.36 -4.66
CA PHE A 46 -9.73 -6.52 -5.52
C PHE A 46 -11.08 -7.21 -5.20
N GLU A 47 -12.08 -6.39 -4.88
CA GLU A 47 -13.45 -6.93 -4.79
C GLU A 47 -13.97 -7.27 -6.20
N ASN A 48 -13.35 -6.70 -7.23
CA ASN A 48 -13.58 -7.10 -8.59
C ASN A 48 -12.25 -6.87 -9.35
N PHE A 49 -12.08 -7.57 -10.46
CA PHE A 49 -10.89 -7.39 -11.26
C PHE A 49 -11.12 -8.16 -12.55
N ASP A 50 -10.33 -7.85 -13.55
CA ASP A 50 -10.24 -8.53 -14.80
C ASP A 50 -8.79 -8.66 -15.25
N MET A 51 -8.31 -9.87 -15.31
CA MET A 51 -6.99 -10.15 -15.80
C MET A 51 -6.95 -9.97 -17.34
N VAL A 52 -6.38 -8.86 -17.76
CA VAL A 52 -6.30 -8.49 -19.14
C VAL A 52 -5.21 -9.21 -19.90
N SER A 53 -3.97 -9.11 -19.49
CA SER A 53 -2.92 -9.92 -20.10
C SER A 53 -1.86 -10.40 -19.13
N PHE A 54 -1.23 -11.50 -19.44
CA PHE A 54 -0.22 -12.07 -18.63
C PHE A 54 0.96 -12.58 -19.50
N GLU A 55 2.06 -11.84 -19.51
CA GLU A 55 3.14 -12.13 -20.43
C GLU A 55 4.42 -12.01 -19.63
N LYS A 56 5.50 -12.59 -20.17
CA LYS A 56 6.79 -12.57 -19.51
C LYS A 56 7.15 -11.12 -19.21
N GLY A 57 7.34 -10.83 -17.91
CA GLY A 57 7.68 -9.47 -17.45
C GLY A 57 6.60 -8.41 -17.71
N HIS A 58 5.37 -8.77 -18.01
CA HIS A 58 4.39 -7.71 -18.31
C HIS A 58 2.93 -8.15 -18.08
N VAL A 59 2.26 -7.56 -17.07
CA VAL A 59 0.93 -7.98 -16.65
C VAL A 59 0.06 -6.79 -16.56
N ILE A 60 -1.15 -6.94 -17.14
CA ILE A 60 -2.16 -5.89 -17.14
C ILE A 60 -3.42 -6.42 -16.45
N VAL A 61 -3.90 -5.64 -15.48
CA VAL A 61 -5.21 -5.97 -14.82
C VAL A 61 -6.01 -4.75 -14.70
N THR A 62 -7.31 -4.83 -14.90
CA THR A 62 -8.22 -3.72 -14.62
C THR A 62 -9.11 -3.96 -13.43
N THR A 63 -9.60 -2.88 -12.85
CA THR A 63 -10.51 -3.04 -11.73
C THR A 63 -11.39 -1.83 -11.71
N GLU A 64 -12.54 -1.89 -11.04
CA GLU A 64 -13.39 -0.73 -10.95
C GLU A 64 -13.48 -0.27 -9.49
N VAL A 65 -13.24 0.99 -9.29
CA VAL A 65 -13.33 1.62 -8.02
C VAL A 65 -14.76 1.56 -7.44
N VAL A 66 -14.91 0.98 -6.27
CA VAL A 66 -16.17 0.83 -5.56
C VAL A 66 -16.19 1.46 -4.16
N ASP A 67 -17.27 1.31 -3.42
CA ASP A 67 -17.41 2.05 -2.17
C ASP A 67 -16.27 1.74 -1.19
N LYS A 68 -15.95 0.45 -1.01
CA LYS A 68 -14.87 0.13 0.00
C LYS A 68 -13.43 0.36 -0.52
N SER A 69 -13.29 0.88 -1.73
CA SER A 69 -11.98 1.40 -2.27
C SER A 69 -11.66 2.78 -1.72
N LEU A 70 -12.67 3.47 -1.21
CA LEU A 70 -12.56 4.92 -0.97
C LEU A 70 -12.04 5.37 0.39
N ASN A 71 -11.41 6.54 0.46
CA ASN A 71 -10.95 7.15 1.70
C ASN A 71 -12.08 8.05 2.19
N TYR A 72 -11.89 8.71 3.34
CA TYR A 72 -12.99 9.59 3.89
C TYR A 72 -13.55 10.59 2.84
N TYR A 73 -12.70 11.19 1.98
CA TYR A 73 -13.16 12.19 0.99
C TYR A 73 -13.86 11.69 -0.25
N GLY A 74 -14.15 10.40 -0.31
CA GLY A 74 -14.78 9.93 -1.55
C GLY A 74 -13.83 9.68 -2.69
N PHE A 75 -12.50 9.72 -2.50
CA PHE A 75 -11.60 9.25 -3.54
C PHE A 75 -10.93 7.92 -3.21
N ALA A 76 -10.38 7.25 -4.23
CA ALA A 76 -9.73 5.94 -4.05
C ALA A 76 -8.60 6.13 -3.04
N HIS A 77 -8.59 5.27 -2.06
CA HIS A 77 -7.63 5.36 -0.98
C HIS A 77 -6.21 5.06 -1.47
N GLY A 78 -5.23 5.84 -0.99
CA GLY A 78 -3.79 5.68 -1.37
C GLY A 78 -3.26 4.31 -1.04
N GLY A 79 -3.72 3.68 0.07
CA GLY A 79 -3.39 2.26 0.36
C GLY A 79 -4.04 1.27 -0.61
N TYR A 80 -5.29 1.55 -1.03
CA TYR A 80 -5.99 0.68 -2.05
C TYR A 80 -5.19 0.79 -3.36
N ILE A 81 -4.82 2.00 -3.73
CA ILE A 81 -4.04 2.24 -4.94
C ILE A 81 -2.72 1.47 -4.91
N PHE A 82 -2.00 1.60 -3.82
CA PHE A 82 -0.70 0.90 -3.70
C PHE A 82 -0.91 -0.63 -3.74
N THR A 83 -1.93 -1.13 -3.05
CA THR A 83 -2.18 -2.59 -3.04
C THR A 83 -2.46 -3.11 -4.45
N LEU A 84 -3.19 -2.35 -5.29
CA LEU A 84 -3.36 -2.75 -6.70
C LEU A 84 -2.00 -2.95 -7.39
N CYS A 85 -1.10 -1.93 -7.23
CA CYS A 85 0.27 -1.97 -7.78
C CYS A 85 1.06 -3.11 -7.23
N ASP A 86 1.02 -3.28 -5.90
CA ASP A 86 1.81 -4.35 -5.24
C ASP A 86 1.43 -5.80 -5.74
N GLN A 87 0.11 -6.07 -5.86
CA GLN A 87 -0.30 -7.40 -6.30
C GLN A 87 0.13 -7.64 -7.73
N ILE A 88 -0.04 -6.64 -8.56
CA ILE A 88 0.37 -6.76 -9.93
C ILE A 88 1.89 -7.00 -10.06
N SER A 89 2.67 -6.38 -9.22
CA SER A 89 4.12 -6.58 -9.27
C SER A 89 4.51 -8.01 -8.90
N GLY A 90 3.76 -8.60 -7.97
CA GLY A 90 3.96 -10.04 -7.62
C GLY A 90 3.66 -10.99 -8.78
N LEU A 91 2.62 -10.68 -9.54
CA LEU A 91 2.29 -11.42 -10.79
C LEU A 91 3.33 -11.19 -11.84
N VAL A 92 3.88 -9.96 -11.94
CA VAL A 92 4.98 -9.76 -12.85
C VAL A 92 6.17 -10.67 -12.49
N SER A 93 6.37 -10.89 -11.21
CA SER A 93 7.55 -11.65 -10.75
C SER A 93 7.26 -13.15 -11.07
N ILE A 94 6.07 -13.63 -10.77
CA ILE A 94 5.64 -14.95 -11.26
C ILE A 94 5.80 -15.15 -12.80
N SER A 95 5.40 -14.14 -13.55
CA SER A 95 5.54 -14.14 -15.02
C SER A 95 6.94 -14.29 -15.64
N THR A 96 8.00 -13.96 -14.88
CA THR A 96 9.38 -14.16 -15.25
C THR A 96 9.92 -15.44 -14.69
N GLY A 97 9.06 -16.27 -14.07
CA GLY A 97 9.44 -17.59 -13.59
C GLY A 97 9.96 -17.68 -12.14
N PHE A 98 9.57 -16.74 -11.27
CA PHE A 98 10.15 -16.77 -9.83
C PHE A 98 9.24 -16.41 -8.69
N ASP A 99 9.59 -16.97 -7.54
CA ASP A 99 9.05 -16.43 -6.31
C ASP A 99 9.99 -15.31 -5.88
N ALA A 100 9.40 -14.27 -5.33
CA ALA A 100 10.20 -13.09 -4.98
C ALA A 100 9.53 -12.50 -3.85
N VAL A 101 10.30 -11.83 -3.01
CA VAL A 101 9.59 -11.03 -1.99
C VAL A 101 10.06 -9.58 -2.09
N THR A 102 9.13 -8.66 -2.05
CA THR A 102 9.46 -7.23 -2.10
C THR A 102 10.15 -6.74 -0.81
N LEU A 103 11.31 -6.11 -1.01
CA LEU A 103 12.09 -5.51 0.07
C LEU A 103 11.66 -4.06 0.23
N GLN A 104 11.30 -3.41 -0.83
CA GLN A 104 11.13 -1.97 -0.83
C GLN A 104 10.26 -1.51 -1.98
N SER A 105 9.36 -0.59 -1.72
CA SER A 105 8.62 0.11 -2.74
C SER A 105 8.55 1.58 -2.59
N SER A 106 8.44 2.24 -3.72
CA SER A 106 8.21 3.68 -3.79
C SER A 106 6.99 3.94 -4.65
N ILE A 107 6.18 4.94 -4.28
CA ILE A 107 5.00 5.24 -5.08
C ILE A 107 4.80 6.76 -5.16
N ASN A 108 4.37 7.23 -6.31
CA ASN A 108 3.96 8.60 -6.56
C ASN A 108 2.51 8.62 -6.95
N TYR A 109 1.74 9.40 -6.20
CA TYR A 109 0.33 9.68 -6.49
C TYR A 109 0.22 10.91 -7.36
N LEU A 110 -0.47 10.79 -8.52
CA LEU A 110 -0.49 11.85 -9.53
C LEU A 110 -1.90 12.45 -9.73
N LYS A 111 -2.92 11.60 -9.72
CA LYS A 111 -4.31 11.96 -9.94
C LYS A 111 -5.15 11.02 -9.05
N SER A 112 -6.20 11.57 -8.49
CA SER A 112 -7.23 10.81 -7.74
C SER A 112 -7.97 9.78 -8.57
N GLY A 113 -8.19 8.59 -8.00
CA GLY A 113 -9.15 7.69 -8.57
C GLY A 113 -10.54 8.07 -8.00
N LYS A 114 -11.60 7.87 -8.78
CA LYS A 114 -12.91 8.22 -8.27
C LYS A 114 -13.79 7.00 -8.34
N LEU A 115 -14.81 7.04 -7.50
CA LEU A 115 -15.80 6.03 -7.48
C LEU A 115 -16.32 5.76 -8.87
N GLY A 116 -16.43 4.51 -9.26
CA GLY A 116 -16.79 4.15 -10.60
C GLY A 116 -15.66 4.03 -11.62
N ASP A 117 -14.50 4.64 -11.36
CA ASP A 117 -13.46 4.63 -12.38
C ASP A 117 -13.07 3.25 -12.73
N THR A 118 -12.81 2.96 -14.01
CA THR A 118 -12.08 1.76 -14.38
C THR A 118 -10.58 2.10 -14.36
N LEU A 119 -9.84 1.44 -13.52
CA LEU A 119 -8.42 1.62 -13.48
C LEU A 119 -7.67 0.48 -14.14
N LEU A 120 -6.71 0.84 -14.94
CA LEU A 120 -5.84 -0.11 -15.58
C LEU A 120 -4.45 -0.17 -14.90
N ILE A 121 -4.06 -1.35 -14.45
CA ILE A 121 -2.87 -1.52 -13.67
C ILE A 121 -1.94 -2.28 -14.60
N ASP A 122 -0.81 -1.63 -14.97
CA ASP A 122 0.15 -2.23 -15.86
C ASP A 122 1.52 -2.40 -15.19
N GLY A 123 1.96 -3.62 -15.01
CA GLY A 123 3.21 -3.92 -14.40
C GLY A 123 4.21 -4.39 -15.42
N ARG A 124 5.41 -3.86 -15.35
CA ARG A 124 6.53 -4.23 -16.22
C ARG A 124 7.82 -4.50 -15.47
N CYS A 125 8.47 -5.61 -15.78
CA CYS A 125 9.76 -5.91 -15.21
C CYS A 125 10.83 -5.05 -15.88
N VAL A 126 11.49 -4.15 -15.13
CA VAL A 126 12.56 -3.36 -15.68
C VAL A 126 13.93 -4.02 -15.31
N HIS A 127 14.00 -4.86 -14.32
CA HIS A 127 15.18 -5.66 -14.09
C HIS A 127 14.86 -7.11 -13.68
N ASP A 128 15.27 -8.02 -14.52
CA ASP A 128 14.91 -9.41 -14.34
C ASP A 128 16.16 -10.16 -14.00
N GLY A 129 16.59 -10.00 -12.78
CA GLY A 129 17.88 -10.45 -12.36
C GLY A 129 17.85 -11.80 -11.71
N ARG A 130 18.98 -12.45 -11.67
CA ARG A 130 19.10 -13.70 -10.90
C ARG A 130 18.72 -13.49 -9.43
N THR A 131 19.22 -12.40 -8.81
CA THR A 131 19.15 -12.26 -7.35
C THR A 131 18.07 -11.19 -6.90
N THR A 132 17.81 -10.21 -7.79
CA THR A 132 16.80 -9.17 -7.55
C THR A 132 15.90 -9.02 -8.76
N LYS A 133 14.66 -8.56 -8.54
CA LYS A 133 13.86 -8.06 -9.64
C LYS A 133 13.34 -6.68 -9.32
N VAL A 134 13.19 -5.85 -10.34
CA VAL A 134 12.61 -4.53 -10.17
C VAL A 134 11.43 -4.44 -11.10
N VAL A 135 10.31 -3.97 -10.58
CA VAL A 135 9.05 -3.88 -11.33
C VAL A 135 8.45 -2.54 -11.25
N ASP A 136 8.15 -1.92 -12.40
CA ASP A 136 7.44 -0.67 -12.43
C ASP A 136 5.99 -0.94 -12.68
N VAL A 137 5.11 -0.25 -11.96
CA VAL A 137 3.68 -0.42 -12.20
C VAL A 137 3.08 0.96 -12.40
N THR A 138 2.18 1.09 -13.38
CA THR A 138 1.45 2.33 -13.60
C THR A 138 -0.04 2.07 -13.54
N VAL A 139 -0.79 2.99 -12.95
CA VAL A 139 -2.22 2.88 -12.86
C VAL A 139 -2.72 4.05 -13.66
N THR A 140 -3.58 3.80 -14.63
CA THR A 140 -4.21 4.86 -15.46
C THR A 140 -5.73 4.78 -15.46
N ASN A 141 -6.39 5.87 -15.80
CA ASN A 141 -7.85 5.79 -16.03
C ASN A 141 -8.13 5.61 -17.53
N GLN A 142 -9.38 5.68 -17.96
CA GLN A 142 -9.74 5.21 -19.30
C GLN A 142 -9.32 6.20 -20.35
N LEU A 143 -8.93 7.38 -19.89
CA LEU A 143 -8.33 8.41 -20.73
C LEU A 143 -6.82 8.23 -20.88
N LYS A 144 -6.27 7.23 -20.19
CA LYS A 144 -4.78 7.03 -20.16
C LYS A 144 -4.03 8.10 -19.41
N GLN A 145 -4.75 8.89 -18.60
CA GLN A 145 -4.17 9.70 -17.51
C GLN A 145 -3.55 8.87 -16.36
N GLU A 146 -2.28 9.10 -16.00
CA GLU A 146 -1.65 8.30 -14.90
C GLU A 146 -2.20 8.75 -13.57
N VAL A 147 -2.69 7.77 -12.85
CA VAL A 147 -3.22 7.94 -11.49
C VAL A 147 -2.08 7.77 -10.47
N ALA A 148 -1.17 6.82 -10.73
CA ALA A 148 -0.06 6.55 -9.84
C ALA A 148 0.98 5.78 -10.57
N LYS A 149 2.23 5.84 -10.05
CA LYS A 149 3.29 5.01 -10.61
C LYS A 149 4.05 4.55 -9.43
N ALA A 150 4.38 3.28 -9.42
CA ALA A 150 5.14 2.73 -8.35
C ALA A 150 6.30 1.88 -8.85
N THR A 151 7.33 1.70 -7.99
CA THR A 151 8.46 0.80 -8.34
C THR A 151 8.67 -0.16 -7.20
N PHE A 152 8.89 -1.44 -7.51
CA PHE A 152 9.03 -2.47 -6.49
C PHE A 152 10.39 -3.15 -6.62
N THR A 153 11.13 -3.26 -5.52
CA THR A 153 12.48 -3.81 -5.50
C THR A 153 12.37 -5.15 -4.79
N MET A 154 12.61 -6.23 -5.51
CA MET A 154 12.31 -7.60 -4.95
C MET A 154 13.54 -8.48 -4.79
N PHE A 155 13.52 -9.31 -3.75
CA PHE A 155 14.57 -10.28 -3.53
C PHE A 155 14.05 -11.62 -4.10
N VAL A 156 14.83 -12.26 -4.96
CA VAL A 156 14.43 -13.61 -5.45
C VAL A 156 14.59 -14.73 -4.39
N THR A 157 13.45 -15.28 -3.90
CA THR A 157 13.46 -16.37 -2.93
C THR A 157 13.62 -17.76 -3.58
N GLY A 158 12.99 -18.00 -4.73
CA GLY A 158 13.22 -19.24 -5.49
C GLY A 158 12.60 -19.22 -6.89
N LYS A 159 13.02 -20.16 -7.73
CA LYS A 159 12.34 -20.51 -8.97
C LYS A 159 10.90 -21.00 -8.70
N ARG A 160 9.98 -20.68 -9.58
CA ARG A 160 8.65 -21.25 -9.50
C ARG A 160 8.76 -22.76 -9.81
N LYS A 161 7.98 -23.58 -9.13
CA LYS A 161 7.98 -25.03 -9.36
C LYS A 161 9.40 -25.60 -9.62
N ASN B 38 -6.38 -17.08 -5.02
CA ASN B 38 -5.46 -17.56 -6.11
C ASN B 38 -4.60 -16.41 -6.64
N HIS B 39 -4.42 -16.30 -7.97
CA HIS B 39 -3.56 -15.21 -8.48
C HIS B 39 -4.07 -13.79 -8.17
N LEU B 40 -5.37 -13.54 -8.38
CA LEU B 40 -6.02 -12.30 -7.90
C LEU B 40 -7.06 -12.67 -6.84
N HIS B 41 -7.08 -11.96 -5.71
CA HIS B 41 -8.01 -12.25 -4.64
C HIS B 41 -8.26 -10.99 -3.83
N GLU B 42 -9.39 -11.00 -3.10
CA GLU B 42 -9.71 -9.85 -2.29
C GLU B 42 -8.77 -9.68 -1.11
N ILE B 43 -8.51 -8.44 -0.76
CA ILE B 43 -7.66 -8.20 0.36
C ILE B 43 -8.41 -7.20 1.19
N ARG B 44 -8.34 -7.34 2.49
CA ARG B 44 -9.00 -6.31 3.34
C ARG B 44 -8.05 -5.73 4.36
N VAL B 45 -8.31 -4.48 4.77
CA VAL B 45 -7.49 -3.84 5.73
C VAL B 45 -8.32 -3.11 6.75
N PHE B 46 -7.90 -3.23 8.03
CA PHE B 46 -8.62 -2.66 9.19
C PHE B 46 -10.00 -3.36 9.39
N GLU B 47 -10.03 -4.70 9.27
CA GLU B 47 -11.27 -5.39 9.60
C GLU B 47 -11.43 -5.29 11.15
N ASN B 48 -10.30 -4.99 11.82
CA ASN B 48 -10.26 -4.80 13.26
C ASN B 48 -9.13 -3.83 13.57
N PHE B 49 -9.25 -3.13 14.69
CA PHE B 49 -8.22 -2.18 15.12
C PHE B 49 -8.57 -1.67 16.51
N ASP B 50 -7.51 -1.24 17.20
CA ASP B 50 -7.63 -0.55 18.42
C ASP B 50 -6.71 0.71 18.38
N MET B 51 -7.31 1.86 18.55
CA MET B 51 -6.57 3.10 18.59
C MET B 51 -5.98 3.24 20.01
N VAL B 52 -4.68 3.16 20.16
CA VAL B 52 -4.03 3.12 21.46
C VAL B 52 -3.76 4.60 21.94
N SER B 53 -3.32 5.47 21.07
CA SER B 53 -3.05 6.85 21.50
C SER B 53 -2.97 7.73 20.30
N PHE B 54 -3.58 8.90 20.44
CA PHE B 54 -3.68 9.86 19.43
C PHE B 54 -3.08 11.12 20.04
N GLU B 55 -1.86 11.49 19.64
CA GLU B 55 -1.13 12.63 20.26
C GLU B 55 -0.56 13.54 19.20
N LYS B 56 -0.02 14.70 19.63
CA LYS B 56 0.37 15.67 18.66
C LYS B 56 1.59 15.12 17.84
N GLY B 57 1.40 14.93 16.52
CA GLY B 57 2.51 14.36 15.71
C GLY B 57 2.88 12.95 16.06
N HIS B 58 2.02 12.24 16.78
CA HIS B 58 2.32 10.88 17.22
C HIS B 58 1.04 10.00 17.49
N VAL B 59 0.87 8.90 16.72
CA VAL B 59 -0.40 8.12 16.71
C VAL B 59 0.01 6.70 16.71
N ILE B 60 -0.55 5.93 17.66
CA ILE B 60 -0.34 4.49 17.80
C ILE B 60 -1.65 3.68 17.67
N VAL B 61 -1.63 2.66 16.83
CA VAL B 61 -2.85 1.81 16.58
C VAL B 61 -2.34 0.40 16.46
N THR B 62 -3.08 -0.55 17.05
CA THR B 62 -2.78 -1.93 16.82
C THR B 62 -3.88 -2.55 16.01
N THR B 63 -3.58 -3.73 15.48
CA THR B 63 -4.54 -4.49 14.69
C THR B 63 -4.02 -5.91 14.68
N GLU B 64 -4.93 -6.83 14.44
CA GLU B 64 -4.53 -8.25 14.36
C GLU B 64 -4.65 -8.81 12.91
N VAL B 65 -3.62 -9.48 12.45
CA VAL B 65 -3.56 -10.06 11.10
C VAL B 65 -4.54 -11.21 11.03
N VAL B 66 -5.42 -11.17 10.00
CA VAL B 66 -6.60 -12.08 9.87
C VAL B 66 -6.54 -12.67 8.48
N ASP B 67 -7.39 -13.65 8.18
CA ASP B 67 -7.39 -14.32 6.92
C ASP B 67 -7.33 -13.41 5.67
N LYS B 68 -8.10 -12.37 5.64
CA LYS B 68 -8.17 -11.53 4.42
C LYS B 68 -7.12 -10.43 4.43
N SER B 69 -6.21 -10.52 5.41
CA SER B 69 -4.94 -9.71 5.49
C SER B 69 -3.80 -10.30 4.65
N LEU B 70 -3.95 -11.58 4.37
CA LEU B 70 -2.86 -12.39 3.82
C LEU B 70 -2.71 -12.39 2.25
N ASN B 71 -1.50 -12.64 1.78
CA ASN B 71 -1.24 -12.80 0.39
C ASN B 71 -1.32 -14.31 0.02
N TYR B 72 -1.02 -14.61 -1.24
CA TYR B 72 -1.17 -16.00 -1.67
C TYR B 72 -0.14 -16.99 -1.13
N TYR B 73 0.98 -16.51 -0.54
CA TYR B 73 1.90 -17.39 0.20
C TYR B 73 1.53 -17.49 1.67
N GLY B 74 0.39 -16.89 2.12
CA GLY B 74 -0.02 -17.08 3.54
C GLY B 74 0.56 -16.12 4.56
N PHE B 75 1.25 -15.08 4.07
CA PHE B 75 1.83 -14.07 4.97
C PHE B 75 1.05 -12.75 4.78
N ALA B 76 1.25 -11.79 5.69
CA ALA B 76 0.54 -10.52 5.56
C ALA B 76 0.95 -9.84 4.24
N HIS B 77 -0.02 -9.38 3.51
CA HIS B 77 0.21 -8.80 2.23
C HIS B 77 0.92 -7.44 2.29
N GLY B 78 1.85 -7.22 1.40
CA GLY B 78 2.55 -5.96 1.34
C GLY B 78 1.64 -4.76 1.30
N GLY B 79 0.58 -4.85 0.50
CA GLY B 79 -0.42 -3.84 0.40
C GLY B 79 -1.19 -3.57 1.68
N TYR B 80 -1.58 -4.63 2.37
CA TYR B 80 -2.15 -4.59 3.66
C TYR B 80 -1.21 -3.82 4.63
N ILE B 81 0.04 -4.23 4.74
CA ILE B 81 1.01 -3.57 5.57
C ILE B 81 1.16 -2.10 5.20
N PHE B 82 1.33 -1.78 3.93
CA PHE B 82 1.39 -0.41 3.47
C PHE B 82 0.16 0.37 3.88
N THR B 83 -1.01 -0.22 3.71
CA THR B 83 -2.25 0.56 4.03
C THR B 83 -2.38 0.87 5.54
N LEU B 84 -1.90 -0.06 6.38
CA LEU B 84 -1.81 0.19 7.82
C LEU B 84 -1.03 1.48 8.05
N CYS B 85 0.14 1.52 7.45
CA CYS B 85 1.04 2.70 7.61
C CYS B 85 0.34 3.91 7.10
N ASP B 86 -0.24 3.84 5.93
CA ASP B 86 -0.77 4.98 5.26
C ASP B 86 -1.90 5.64 6.07
N GLN B 87 -2.84 4.85 6.60
CA GLN B 87 -3.92 5.37 7.40
C GLN B 87 -3.40 6.04 8.64
N ILE B 88 -2.50 5.39 9.35
CA ILE B 88 -1.88 6.00 10.47
C ILE B 88 -1.20 7.32 10.08
N SER B 89 -0.62 7.44 8.90
CA SER B 89 0.10 8.68 8.58
C SER B 89 -0.88 9.82 8.42
N GLY B 90 -2.07 9.52 7.86
CA GLY B 90 -3.14 10.54 7.70
C GLY B 90 -3.64 11.05 9.04
N LEU B 91 -3.60 10.18 10.02
CA LEU B 91 -4.03 10.56 11.41
C LEU B 91 -2.97 11.38 12.11
N VAL B 92 -1.69 11.07 11.83
CA VAL B 92 -0.59 11.93 12.29
C VAL B 92 -0.77 13.28 11.74
N SER B 93 -1.02 13.34 10.43
CA SER B 93 -1.23 14.61 9.77
C SER B 93 -2.40 15.49 10.40
N ILE B 94 -3.60 14.88 10.53
CA ILE B 94 -4.69 15.47 11.30
C ILE B 94 -4.26 15.96 12.73
N SER B 95 -3.46 15.16 13.42
CA SER B 95 -2.98 15.50 14.76
C SER B 95 -2.08 16.78 14.88
N THR B 96 -1.52 17.26 13.76
CA THR B 96 -0.76 18.49 13.70
C THR B 96 -1.64 19.67 13.26
N GLY B 97 -2.94 19.41 13.03
CA GLY B 97 -3.84 20.48 12.58
C GLY B 97 -4.23 20.57 11.10
N PHE B 98 -3.59 19.77 10.22
CA PHE B 98 -3.76 20.06 8.73
C PHE B 98 -4.45 19.03 7.89
N ASP B 99 -5.07 19.55 6.83
CA ASP B 99 -5.31 18.64 5.74
C ASP B 99 -3.97 18.64 4.95
N ALA B 100 -3.64 17.48 4.43
CA ALA B 100 -2.39 17.36 3.70
C ALA B 100 -2.62 16.10 2.97
N VAL B 101 -2.21 16.07 1.72
CA VAL B 101 -2.40 14.89 0.95
C VAL B 101 -1.04 14.24 0.67
N THR B 102 -0.99 12.95 0.50
CA THR B 102 0.27 12.25 0.28
C THR B 102 0.74 12.23 -1.18
N LEU B 103 1.93 12.74 -1.47
CA LEU B 103 2.40 12.85 -2.86
C LEU B 103 3.24 11.60 -3.20
N GLN B 104 4.00 11.15 -2.24
CA GLN B 104 4.82 9.98 -2.37
C GLN B 104 5.11 9.27 -1.05
N SER B 105 5.23 7.96 -1.14
CA SER B 105 5.65 7.13 -0.05
C SER B 105 6.64 6.12 -0.42
N SER B 106 7.38 5.68 0.57
CA SER B 106 8.42 4.68 0.51
C SER B 106 8.34 3.77 1.69
N ILE B 107 8.40 2.49 1.45
CA ILE B 107 8.32 1.53 2.48
C ILE B 107 9.40 0.47 2.37
N ASN B 108 9.96 0.10 3.50
CA ASN B 108 10.77 -1.13 3.59
C ASN B 108 10.07 -2.23 4.35
N TYR B 109 10.20 -3.47 3.81
CA TYR B 109 9.63 -4.63 4.46
C TYR B 109 10.79 -5.41 5.09
N LEU B 110 10.81 -5.48 6.41
CA LEU B 110 11.94 -6.07 7.14
C LEU B 110 11.71 -7.50 7.54
N LYS B 111 10.49 -7.79 8.01
CA LYS B 111 10.13 -9.12 8.53
C LYS B 111 8.66 -9.42 8.07
N SER B 112 8.31 -10.67 7.95
CA SER B 112 6.98 -11.06 7.61
C SER B 112 5.97 -10.82 8.69
N GLY B 113 4.81 -10.34 8.31
CA GLY B 113 3.64 -10.43 9.14
C GLY B 113 2.98 -11.78 9.02
N LYS B 114 2.51 -12.33 10.12
CA LYS B 114 1.96 -13.68 10.08
C LYS B 114 0.52 -13.61 10.56
N LEU B 115 -0.26 -14.58 10.09
CA LEU B 115 -1.60 -14.71 10.55
C LEU B 115 -1.66 -14.75 12.10
N GLY B 116 -2.50 -13.94 12.68
CA GLY B 116 -2.60 -13.88 14.13
C GLY B 116 -1.72 -12.91 14.85
N ASP B 117 -0.76 -12.31 14.19
CA ASP B 117 0.07 -11.30 14.82
C ASP B 117 -0.71 -10.04 15.19
N THR B 118 -0.42 -9.51 16.34
CA THR B 118 -0.79 -8.18 16.67
C THR B 118 0.32 -7.25 16.20
N LEU B 119 -0.04 -6.39 15.30
CA LEU B 119 0.87 -5.48 14.78
C LEU B 119 0.59 -4.11 15.42
N LEU B 120 1.67 -3.40 15.81
CA LEU B 120 1.61 -2.07 16.37
C LEU B 120 2.09 -1.03 15.38
N ILE B 121 1.24 -0.13 15.02
CA ILE B 121 1.52 0.86 14.04
C ILE B 121 1.77 2.21 14.71
N ASP B 122 2.98 2.70 14.58
CA ASP B 122 3.37 3.95 15.25
C ASP B 122 3.80 4.94 14.22
N GLY B 123 3.03 6.02 14.08
CA GLY B 123 3.28 7.10 13.15
C GLY B 123 3.86 8.28 13.95
N ARG B 124 4.90 8.89 13.43
CA ARG B 124 5.51 10.07 14.00
C ARG B 124 5.77 11.15 12.99
N CYS B 125 5.36 12.36 13.27
CA CYS B 125 5.66 13.43 12.33
C CYS B 125 7.15 13.84 12.39
N VAL B 126 7.77 13.92 11.25
CA VAL B 126 9.19 14.11 11.15
C VAL B 126 9.48 15.52 10.68
N HIS B 127 8.57 16.05 9.90
CA HIS B 127 8.61 17.42 9.45
C HIS B 127 7.21 18.02 9.39
N ASP B 128 6.95 18.99 10.22
CA ASP B 128 5.65 19.61 10.35
C ASP B 128 5.67 21.02 9.79
N GLY B 129 5.52 21.15 8.50
CA GLY B 129 5.87 22.39 7.84
C GLY B 129 4.67 23.13 7.35
N ARG B 130 4.97 24.35 6.92
CA ARG B 130 4.04 25.25 6.22
C ARG B 130 3.45 24.63 4.95
N THR B 131 4.35 24.10 4.12
CA THR B 131 4.07 23.64 2.72
C THR B 131 4.02 22.11 2.66
N THR B 132 4.93 21.46 3.41
CA THR B 132 4.94 19.98 3.41
C THR B 132 4.88 19.35 4.79
N LYS B 133 4.52 18.06 4.85
CA LYS B 133 4.74 17.24 6.04
C LYS B 133 5.41 15.93 5.66
N VAL B 134 6.23 15.41 6.56
CA VAL B 134 6.84 14.11 6.40
C VAL B 134 6.56 13.30 7.65
N VAL B 135 6.05 12.07 7.45
CA VAL B 135 5.58 11.19 8.54
C VAL B 135 6.27 9.86 8.40
N ASP B 136 6.89 9.40 9.47
CA ASP B 136 7.54 8.08 9.47
C ASP B 136 6.61 7.14 10.19
N VAL B 137 6.46 5.90 9.70
CA VAL B 137 5.66 4.87 10.39
C VAL B 137 6.38 3.58 10.58
N THR B 138 6.32 3.00 11.79
CA THR B 138 6.98 1.72 12.05
C THR B 138 5.91 0.72 12.43
N VAL B 139 6.00 -0.46 11.84
CA VAL B 139 5.17 -1.54 12.21
C VAL B 139 6.04 -2.56 13.00
N THR B 140 5.46 -3.03 14.08
CA THR B 140 6.14 -3.82 15.04
C THR B 140 5.28 -5.02 15.52
N ASN B 141 5.87 -6.14 15.84
CA ASN B 141 5.09 -7.30 16.27
C ASN B 141 5.20 -7.42 17.80
N GLN B 142 4.70 -8.52 18.46
CA GLN B 142 4.69 -8.55 19.95
C GLN B 142 6.05 -8.74 20.58
N LEU B 143 7.05 -9.19 19.81
CA LEU B 143 8.41 -9.25 20.24
C LEU B 143 9.10 -7.89 20.09
N LYS B 144 8.36 -6.91 19.54
CA LYS B 144 8.92 -5.61 19.23
C LYS B 144 9.96 -5.63 18.15
N GLN B 145 9.93 -6.65 17.30
CA GLN B 145 10.64 -6.63 16.03
C GLN B 145 9.90 -5.74 14.98
N GLU B 146 10.67 -4.97 14.22
CA GLU B 146 10.16 -4.10 13.20
C GLU B 146 9.76 -4.92 11.98
N VAL B 147 8.50 -4.80 11.58
CA VAL B 147 8.05 -5.61 10.46
C VAL B 147 8.21 -4.76 9.20
N ALA B 148 7.94 -3.47 9.31
CA ALA B 148 8.01 -2.61 8.16
C ALA B 148 8.28 -1.17 8.61
N LYS B 149 8.91 -0.39 7.76
CA LYS B 149 9.08 1.05 8.03
C LYS B 149 8.76 1.84 6.78
N ALA B 150 7.91 2.86 6.92
CA ALA B 150 7.54 3.69 5.76
C ALA B 150 7.73 5.15 6.04
N THR B 151 7.86 5.93 4.96
CA THR B 151 7.91 7.40 5.09
C THR B 151 6.97 7.95 4.06
N PHE B 152 6.14 8.92 4.47
CA PHE B 152 5.14 9.53 3.63
C PHE B 152 5.44 11.00 3.50
N THR B 153 5.45 11.50 2.28
CA THR B 153 5.82 12.88 1.98
C THR B 153 4.55 13.52 1.49
N MET B 154 4.07 14.48 2.26
CA MET B 154 2.73 15.05 2.03
C MET B 154 2.75 16.53 1.69
N PHE B 155 1.78 16.95 0.88
CA PHE B 155 1.69 18.38 0.52
C PHE B 155 0.53 18.94 1.39
N VAL B 156 0.84 20.02 2.10
CA VAL B 156 -0.15 20.75 2.91
C VAL B 156 -1.18 21.46 2.05
N THR B 157 -2.40 20.98 2.00
CA THR B 157 -3.45 21.69 1.36
C THR B 157 -3.98 22.89 2.20
N GLY B 158 -4.40 22.63 3.44
CA GLY B 158 -4.60 23.67 4.42
C GLY B 158 -5.13 23.18 5.77
N LYS B 159 -5.39 24.14 6.64
CA LYS B 159 -5.91 23.90 7.98
C LYS B 159 -7.16 23.02 8.06
N ARG B 160 -7.35 22.36 9.21
CA ARG B 160 -8.37 21.32 9.43
C ARG B 160 -9.80 21.71 9.81
N LYS B 161 -10.15 22.97 9.73
CA LYS B 161 -11.45 23.32 10.20
C LYS B 161 -12.28 23.88 9.09
S SO4 C . 21.09 -9.56 -10.36
O1 SO4 C . 22.13 -9.03 -9.53
O2 SO4 C . 19.86 -9.10 -9.69
O3 SO4 C . 21.20 -9.12 -11.78
O4 SO4 C . 21.18 -11.02 -10.29
S SO4 D . 7.97 23.62 4.92
O1 SO4 D . 6.97 24.57 4.42
O2 SO4 D . 8.55 24.01 6.19
O3 SO4 D . 7.18 22.40 4.99
O4 SO4 D . 9.08 23.39 4.04
CL CL E . -11.72 -13.60 -3.50
#